data_7Z94
#
_entry.id   7Z94
#
_cell.length_a   93.938
_cell.length_b   93.938
_cell.length_c   110.867
_cell.angle_alpha   90.000
_cell.angle_beta   90.000
_cell.angle_gamma   120.000
#
_symmetry.space_group_name_H-M   'P 32 2 1'
#
loop_
_entity.id
_entity.type
_entity.pdbx_description
1 polymer 'Putative dehydrogenase/oxygenase subunit (Flavoprotein)'
2 non-polymer 'FLAVIN-ADENINE DINUCLEOTIDE'
3 non-polymer INDOLE
4 non-polymer 'SULFATE ION'
5 non-polymer 'DIMETHYL SULFOXIDE'
6 non-polymer 'SODIUM ION'
7 water water
#
_entity_poly.entity_id   1
_entity_poly.type   'polypeptide(L)'
_entity_poly.pdbx_seq_one_letter_code
;MGHHHHHHHHHHSSGHIEGRHMKRIAIVGAGQSGLQLGLGLLAAGYEVTMFSNRTGEDIRRGKVMSSQCMFDTSLQIERD
LGLDHWASDCPTVDGIGLAVPHPEQKGAKVIDWAARLNASAQSVDQRLKIPAWMDEFQKKGGELVFKDAGIDELEACTQS
HDLTLVASGKGEISKLFERDAHKSPYDKPQRALALTYVKGMAPREPFSAVCFNLIPGVGEYFVFPALTTTGPCEIMVFEG
VPGGPMDCWADVKTPEEHLARSKWILDTFTPWEAERCKDIELTDDNGILAGRFAPTVRKPVATLPSGRKVLGLADVVVLN
DPITGQGSNNAAKCADTYLKSILARGDGAADAAWMQQTFDRYWFGYAQWVTQWTNMLLAPPPPHVLNLLGSAGAVPPLAS
AFANGFDDPRTFFPWFADAAESERYIATCAAVA
;
_entity_poly.pdbx_strand_id   A
#
# COMPACT_ATOMS: atom_id res chain seq x y z
N HIS A 21 -7.97 -31.27 19.07
CA HIS A 21 -7.63 -31.78 17.71
C HIS A 21 -7.12 -30.65 16.82
N MET A 22 -8.02 -29.77 16.39
CA MET A 22 -7.66 -28.71 15.43
C MET A 22 -7.25 -27.41 16.14
N LYS A 23 -6.16 -26.79 15.70
CA LYS A 23 -5.75 -25.46 16.16
C LYS A 23 -6.73 -24.43 15.58
N ARG A 24 -7.03 -23.41 16.37
CA ARG A 24 -8.08 -22.45 16.07
C ARG A 24 -7.50 -21.06 16.20
N ILE A 25 -7.73 -20.24 15.18
CA ILE A 25 -7.15 -18.90 15.07
C ILE A 25 -8.30 -17.93 14.87
N ALA A 26 -8.29 -16.82 15.60
CA ALA A 26 -9.27 -15.74 15.42
C ALA A 26 -8.58 -14.54 14.79
N ILE A 27 -9.26 -13.87 13.87
CA ILE A 27 -8.73 -12.67 13.19
C ILE A 27 -9.81 -11.62 13.24
N VAL A 28 -9.52 -10.50 13.87
CA VAL A 28 -10.49 -9.40 13.99
C VAL A 28 -10.15 -8.35 12.94
N GLY A 29 -11.03 -8.21 11.94
CA GLY A 29 -10.73 -7.31 10.83
C GLY A 29 -10.59 -7.99 9.49
N ALA A 30 -11.61 -7.81 8.64
CA ALA A 30 -11.69 -8.52 7.37
C ALA A 30 -11.11 -7.66 6.25
N GLY A 31 -9.79 -7.51 6.31
CA GLY A 31 -9.07 -6.74 5.32
C GLY A 31 -8.13 -7.62 4.51
N GLN A 32 -7.31 -6.95 3.71
CA GLN A 32 -6.46 -7.68 2.78
CA GLN A 32 -6.50 -7.71 2.77
C GLN A 32 -5.54 -8.65 3.51
N SER A 33 -4.80 -8.15 4.51
CA SER A 33 -3.85 -9.02 5.19
CA SER A 33 -3.85 -9.02 5.19
C SER A 33 -4.57 -10.10 6.00
N GLY A 34 -5.63 -9.70 6.71
CA GLY A 34 -6.37 -10.67 7.52
C GLY A 34 -6.94 -11.81 6.69
N LEU A 35 -7.48 -11.48 5.54
CA LEU A 35 -8.12 -12.50 4.70
C LEU A 35 -7.08 -13.35 4.00
N GLN A 36 -5.99 -12.75 3.56
CA GLN A 36 -4.93 -13.59 2.97
C GLN A 36 -4.43 -14.59 4.00
N LEU A 37 -4.12 -14.12 5.19
CA LEU A 37 -3.68 -15.01 6.25
C LEU A 37 -4.73 -16.07 6.55
N GLY A 38 -5.99 -15.64 6.72
CA GLY A 38 -7.03 -16.61 7.08
C GLY A 38 -7.21 -17.69 6.03
N LEU A 39 -7.19 -17.30 4.76
CA LEU A 39 -7.32 -18.29 3.68
C LEU A 39 -6.13 -19.24 3.64
N GLY A 40 -4.91 -18.73 3.85
CA GLY A 40 -3.76 -19.63 3.95
C GLY A 40 -3.89 -20.59 5.12
N LEU A 41 -4.41 -20.11 6.25
CA LEU A 41 -4.54 -21.00 7.40
C LEU A 41 -5.58 -22.07 7.17
N LEU A 42 -6.70 -21.71 6.53
CA LEU A 42 -7.69 -22.73 6.23
C LEU A 42 -7.11 -23.80 5.33
N ALA A 43 -6.35 -23.38 4.31
CA ALA A 43 -5.74 -24.34 3.39
C ALA A 43 -4.78 -25.28 4.11
N ALA A 44 -4.20 -24.82 5.21
CA ALA A 44 -3.26 -25.63 6.00
C ALA A 44 -3.96 -26.45 7.08
N GLY A 45 -5.29 -26.40 7.14
CA GLY A 45 -6.04 -27.24 8.05
C GLY A 45 -6.39 -26.61 9.39
N TYR A 46 -6.23 -25.30 9.53
CA TYR A 46 -6.62 -24.63 10.77
C TYR A 46 -8.10 -24.30 10.74
N GLU A 47 -8.70 -24.20 11.94
CA GLU A 47 -10.00 -23.56 12.09
CA GLU A 47 -10.00 -23.56 12.09
C GLU A 47 -9.77 -22.06 12.21
N VAL A 48 -10.54 -21.26 11.48
CA VAL A 48 -10.35 -19.82 11.52
C VAL A 48 -11.69 -19.13 11.73
N THR A 49 -11.74 -18.24 12.71
CA THR A 49 -12.86 -17.34 12.96
C THR A 49 -12.44 -15.94 12.56
N MET A 50 -13.28 -15.23 11.80
CA MET A 50 -12.95 -13.88 11.39
C MET A 50 -14.11 -12.96 11.69
N PHE A 51 -13.80 -11.75 12.18
CA PHE A 51 -14.80 -10.73 12.44
C PHE A 51 -14.72 -9.65 11.38
N SER A 52 -15.88 -9.27 10.81
CA SER A 52 -15.98 -8.15 9.89
C SER A 52 -17.02 -7.15 10.41
N ASN A 53 -16.70 -5.86 10.26
CA ASN A 53 -17.59 -4.80 10.66
C ASN A 53 -18.47 -4.30 9.54
N ARG A 54 -18.36 -4.88 8.36
CA ARG A 54 -19.17 -4.52 7.21
C ARG A 54 -19.54 -5.77 6.43
N THR A 55 -20.69 -5.72 5.74
CA THR A 55 -21.03 -6.78 4.80
C THR A 55 -20.20 -6.65 3.53
N GLY A 56 -20.03 -7.78 2.84
CA GLY A 56 -19.33 -7.76 1.57
C GLY A 56 -19.90 -6.76 0.59
N GLU A 57 -21.22 -6.76 0.44
CA GLU A 57 -21.84 -5.89 -0.54
C GLU A 57 -21.62 -4.41 -0.19
N ASP A 58 -21.70 -4.06 1.10
CA ASP A 58 -21.48 -2.67 1.45
C ASP A 58 -20.02 -2.27 1.20
N ILE A 59 -19.10 -3.22 1.28
CA ILE A 59 -17.71 -2.93 0.94
C ILE A 59 -17.58 -2.70 -0.55
N ARG A 60 -18.22 -3.57 -1.36
CA ARG A 60 -18.17 -3.44 -2.82
C ARG A 60 -18.68 -2.08 -3.27
N ARG A 61 -19.77 -1.62 -2.66
CA ARG A 61 -20.46 -0.43 -3.13
C ARG A 61 -20.10 0.83 -2.33
N GLY A 62 -19.26 0.70 -1.31
CA GLY A 62 -18.84 1.82 -0.49
C GLY A 62 -17.68 2.58 -1.12
N LYS A 63 -17.08 3.45 -0.30
CA LYS A 63 -15.96 4.26 -0.77
C LYS A 63 -14.72 3.40 -1.03
N VAL A 64 -13.91 3.84 -2.01
CA VAL A 64 -12.61 3.21 -2.21
C VAL A 64 -11.75 3.40 -0.96
N MET A 65 -10.74 2.55 -0.82
CA MET A 65 -9.90 2.53 0.37
C MET A 65 -8.42 2.73 0.07
N SER A 66 -8.00 2.64 -1.19
CA SER A 66 -6.58 2.60 -1.49
CA SER A 66 -6.58 2.57 -1.48
C SER A 66 -6.40 2.64 -3.00
N SER A 67 -5.16 2.65 -3.41
CA SER A 67 -4.88 2.49 -4.82
C SER A 67 -4.18 1.16 -5.11
N GLN A 68 -3.77 0.46 -4.04
CA GLN A 68 -3.39 -0.96 -4.01
C GLN A 68 -2.66 -1.46 -5.25
N CYS A 69 -1.62 -0.74 -5.64
CA CYS A 69 -0.70 -1.22 -6.69
C CYS A 69 0.27 -2.26 -6.14
N MET A 70 0.10 -3.52 -6.53
CA MET A 70 0.91 -4.61 -6.01
C MET A 70 1.93 -5.04 -7.05
N PHE A 71 3.21 -5.07 -6.64
CA PHE A 71 4.29 -5.45 -7.54
C PHE A 71 4.48 -6.96 -7.52
N ASP A 72 5.38 -7.44 -8.40
CA ASP A 72 5.42 -8.88 -8.73
C ASP A 72 5.60 -9.77 -7.51
N THR A 73 6.49 -9.40 -6.58
CA THR A 73 6.74 -10.30 -5.46
C THR A 73 5.46 -10.51 -4.63
N SER A 74 4.71 -9.41 -4.33
CA SER A 74 3.43 -9.52 -3.63
C SER A 74 2.41 -10.29 -4.45
N LEU A 75 2.33 -10.00 -5.75
CA LEU A 75 1.43 -10.76 -6.62
C LEU A 75 1.72 -12.25 -6.52
N GLN A 76 3.03 -12.61 -6.46
CA GLN A 76 3.38 -14.03 -6.43
C GLN A 76 2.96 -14.69 -5.12
N ILE A 77 2.99 -13.94 -4.02
CA ILE A 77 2.48 -14.48 -2.76
C ILE A 77 1.03 -14.89 -2.93
N GLU A 78 0.23 -14.03 -3.57
CA GLU A 78 -1.16 -14.36 -3.82
C GLU A 78 -1.30 -15.56 -4.76
N ARG A 79 -0.51 -15.57 -5.85
CA ARG A 79 -0.53 -16.70 -6.79
C ARG A 79 -0.27 -18.00 -6.06
N ASP A 80 0.73 -18.00 -5.18
CA ASP A 80 1.15 -19.24 -4.53
C ASP A 80 0.07 -19.79 -3.60
N LEU A 81 -0.84 -18.92 -3.18
CA LEU A 81 -2.02 -19.32 -2.37
C LEU A 81 -3.24 -19.59 -3.23
N GLY A 82 -3.15 -19.43 -4.55
CA GLY A 82 -4.29 -19.60 -5.41
C GLY A 82 -5.31 -18.49 -5.35
N LEU A 83 -4.88 -17.28 -4.97
CA LEU A 83 -5.79 -16.17 -4.73
C LEU A 83 -5.72 -15.06 -5.78
N ASP A 84 -5.05 -15.30 -6.91
CA ASP A 84 -4.93 -14.31 -7.98
C ASP A 84 -6.13 -14.40 -8.91
N HIS A 85 -7.30 -14.10 -8.36
CA HIS A 85 -8.53 -14.37 -9.08
C HIS A 85 -8.78 -13.38 -10.22
N TRP A 86 -8.07 -12.25 -10.26
CA TRP A 86 -8.29 -11.22 -11.28
C TRP A 86 -7.12 -11.06 -12.22
N ALA A 87 -6.20 -12.03 -12.20
CA ALA A 87 -4.95 -11.87 -12.94
C ALA A 87 -5.20 -11.58 -14.41
N SER A 88 -6.18 -12.24 -15.02
CA SER A 88 -6.42 -12.08 -16.44
CA SER A 88 -6.42 -12.08 -16.44
C SER A 88 -7.21 -10.82 -16.74
N ASP A 89 -8.16 -10.46 -15.86
CA ASP A 89 -9.01 -9.30 -16.11
C ASP A 89 -8.40 -7.98 -15.66
N CYS A 90 -7.45 -8.00 -14.82
CA CYS A 90 -6.94 -6.72 -14.32
C CYS A 90 -5.87 -6.17 -15.28
N PRO A 91 -5.97 -4.92 -15.71
CA PRO A 91 -4.89 -4.36 -16.56
C PRO A 91 -3.55 -4.48 -15.86
N THR A 92 -2.50 -4.69 -16.66
CA THR A 92 -1.17 -4.76 -16.10
C THR A 92 -0.54 -3.37 -16.10
N VAL A 93 0.31 -3.14 -15.09
CA VAL A 93 1.12 -1.93 -14.96
C VAL A 93 2.56 -2.36 -15.27
N ASP A 94 3.09 -1.89 -16.38
CA ASP A 94 4.30 -2.48 -16.96
C ASP A 94 5.56 -1.65 -16.75
N GLY A 95 5.48 -0.53 -16.04
CA GLY A 95 6.64 0.33 -15.87
C GLY A 95 6.38 1.41 -14.85
N ILE A 96 7.39 2.24 -14.62
CA ILE A 96 7.31 3.43 -13.80
C ILE A 96 7.82 4.58 -14.63
N GLY A 97 7.17 5.72 -14.53
CA GLY A 97 7.63 6.92 -15.18
C GLY A 97 7.79 8.01 -14.15
N LEU A 98 8.72 8.93 -14.42
CA LEU A 98 8.93 10.04 -13.52
C LEU A 98 9.04 11.31 -14.34
N ALA A 99 8.29 12.34 -13.93
CA ALA A 99 8.30 13.64 -14.58
C ALA A 99 8.40 14.73 -13.50
N VAL A 100 9.18 15.76 -13.81
CA VAL A 100 9.31 16.93 -12.96
C VAL A 100 9.08 18.19 -13.80
N PRO A 101 8.18 19.09 -13.39
CA PRO A 101 7.94 20.30 -14.18
C PRO A 101 9.19 21.15 -14.29
N HIS A 102 9.34 21.78 -15.44
CA HIS A 102 10.44 22.69 -15.67
C HIS A 102 10.22 23.93 -14.81
N PRO A 103 11.23 24.40 -14.08
CA PRO A 103 11.01 25.60 -13.27
C PRO A 103 10.73 26.81 -14.13
N GLU A 104 11.28 26.84 -15.34
CA GLU A 104 11.10 27.98 -16.24
C GLU A 104 9.94 27.75 -17.21
N GLN A 105 10.17 26.92 -18.23
CA GLN A 105 9.26 26.82 -19.37
C GLN A 105 7.90 26.26 -18.94
N LYS A 106 6.85 27.03 -19.20
CA LYS A 106 5.49 26.64 -18.80
C LYS A 106 5.09 25.33 -19.47
N GLY A 107 4.53 24.41 -18.69
CA GLY A 107 4.01 23.20 -19.25
C GLY A 107 5.06 22.26 -19.81
N ALA A 108 6.33 22.53 -19.58
CA ALA A 108 7.38 21.61 -19.97
C ALA A 108 7.92 20.87 -18.75
N LYS A 109 8.59 19.75 -19.00
CA LYS A 109 9.24 18.97 -17.96
C LYS A 109 10.76 19.08 -18.09
N VAL A 110 11.43 19.23 -16.95
CA VAL A 110 12.89 19.22 -16.97
C VAL A 110 13.43 17.80 -16.78
N ILE A 111 12.63 16.90 -16.20
CA ILE A 111 12.93 15.49 -16.10
C ILE A 111 11.72 14.73 -16.61
N ASP A 112 11.94 13.72 -17.45
CA ASP A 112 10.77 12.96 -17.98
C ASP A 112 11.34 11.66 -18.53
N TRP A 113 11.21 10.59 -17.77
CA TRP A 113 11.74 9.30 -18.21
C TRP A 113 10.84 8.19 -17.74
N ALA A 114 11.11 6.99 -18.25
CA ALA A 114 10.36 5.83 -17.81
C ALA A 114 11.27 4.61 -17.90
N ALA A 115 10.86 3.54 -17.23
CA ALA A 115 11.58 2.28 -17.29
C ALA A 115 10.58 1.15 -17.12
N ARG A 116 10.86 0.01 -17.76
CA ARG A 116 9.97 -1.13 -17.63
C ARG A 116 10.23 -1.89 -16.34
N LEU A 117 9.15 -2.38 -15.74
CA LEU A 117 9.27 -3.35 -14.65
C LEU A 117 9.65 -4.70 -15.21
N ASN A 118 10.45 -5.45 -14.44
CA ASN A 118 10.87 -6.79 -14.90
C ASN A 118 9.69 -7.74 -14.97
N ALA A 119 8.65 -7.47 -14.18
CA ALA A 119 7.41 -8.21 -14.24
C ALA A 119 6.29 -7.25 -13.84
N SER A 120 5.10 -7.47 -14.40
CA SER A 120 4.00 -6.51 -14.25
C SER A 120 3.53 -6.39 -12.81
N ALA A 121 3.04 -5.19 -12.49
CA ALA A 121 2.25 -4.90 -11.29
C ALA A 121 0.77 -4.87 -11.66
N GLN A 122 -0.09 -4.98 -10.64
CA GLN A 122 -1.53 -4.98 -10.83
C GLN A 122 -2.19 -4.32 -9.64
N SER A 123 -3.30 -3.59 -9.89
CA SER A 123 -4.07 -2.93 -8.85
C SER A 123 -5.53 -3.38 -8.94
N VAL A 124 -5.92 -4.33 -8.09
CA VAL A 124 -7.28 -4.83 -7.99
C VAL A 124 -7.92 -4.14 -6.78
N ASP A 125 -8.91 -3.30 -7.06
CA ASP A 125 -9.65 -2.57 -6.04
C ASP A 125 -9.97 -3.48 -4.87
N GLN A 126 -9.64 -3.04 -3.66
CA GLN A 126 -10.06 -3.76 -2.47
C GLN A 126 -11.58 -3.89 -2.36
N ARG A 127 -12.35 -3.00 -3.00
CA ARG A 127 -13.80 -3.19 -3.01
C ARG A 127 -14.20 -4.48 -3.72
N LEU A 128 -13.38 -4.91 -4.67
CA LEU A 128 -13.57 -6.21 -5.32
C LEU A 128 -12.93 -7.33 -4.52
N LYS A 129 -11.67 -7.16 -4.16
CA LYS A 129 -10.89 -8.28 -3.61
C LYS A 129 -11.37 -8.70 -2.22
N ILE A 130 -11.59 -7.76 -1.31
CA ILE A 130 -11.94 -8.13 0.06
CA ILE A 130 -11.94 -8.13 0.06
C ILE A 130 -13.27 -8.88 0.09
N PRO A 131 -14.34 -8.40 -0.56
CA PRO A 131 -15.60 -9.18 -0.51
C PRO A 131 -15.50 -10.56 -1.15
N ALA A 132 -14.77 -10.68 -2.26
CA ALA A 132 -14.62 -11.99 -2.92
C ALA A 132 -13.81 -12.95 -2.05
N TRP A 133 -12.81 -12.43 -1.32
CA TRP A 133 -12.06 -13.29 -0.40
C TRP A 133 -12.87 -13.63 0.83
N MET A 134 -13.77 -12.74 1.26
CA MET A 134 -14.73 -13.11 2.30
C MET A 134 -15.61 -14.27 1.84
N ASP A 135 -16.08 -14.23 0.60
CA ASP A 135 -16.88 -15.33 0.07
C ASP A 135 -16.07 -16.62 0.06
N GLU A 136 -14.84 -16.53 -0.43
CA GLU A 136 -13.97 -17.71 -0.50
C GLU A 136 -13.70 -18.26 0.89
N PHE A 137 -13.46 -17.36 1.85
CA PHE A 137 -13.20 -17.75 3.24
C PHE A 137 -14.34 -18.62 3.79
N GLN A 138 -15.57 -18.17 3.58
CA GLN A 138 -16.69 -18.99 4.03
C GLN A 138 -16.76 -20.31 3.28
N LYS A 139 -16.59 -20.28 1.96
CA LYS A 139 -16.66 -21.53 1.18
C LYS A 139 -15.60 -22.53 1.62
N LYS A 140 -14.46 -22.06 2.05
CA LYS A 140 -13.37 -22.93 2.48
C LYS A 140 -13.47 -23.33 3.95
N GLY A 141 -14.55 -22.97 4.63
CA GLY A 141 -14.80 -23.44 5.99
C GLY A 141 -14.52 -22.45 7.10
N GLY A 142 -14.12 -21.23 6.79
CA GLY A 142 -13.96 -20.24 7.82
C GLY A 142 -15.29 -19.79 8.38
N GLU A 143 -15.27 -19.35 9.64
CA GLU A 143 -16.45 -18.86 10.33
C GLU A 143 -16.36 -17.36 10.37
N LEU A 144 -17.21 -16.71 9.57
CA LEU A 144 -17.24 -15.26 9.43
C LEU A 144 -18.32 -14.73 10.34
N VAL A 145 -17.91 -13.90 11.31
CA VAL A 145 -18.82 -13.32 12.29
C VAL A 145 -18.93 -11.82 12.03
N PHE A 146 -20.16 -11.29 12.01
CA PHE A 146 -20.38 -9.90 11.66
C PHE A 146 -20.68 -9.10 12.92
N LYS A 147 -19.77 -8.22 13.25
CA LYS A 147 -19.88 -7.35 14.42
C LYS A 147 -18.75 -6.34 14.38
N ASP A 148 -19.03 -5.15 14.88
CA ASP A 148 -18.00 -4.13 15.10
C ASP A 148 -17.29 -4.51 16.39
N ALA A 149 -16.16 -5.19 16.27
CA ALA A 149 -15.54 -5.87 17.39
C ALA A 149 -14.88 -4.88 18.34
N GLY A 150 -14.94 -5.21 19.64
CA GLY A 150 -14.33 -4.41 20.67
C GLY A 150 -13.54 -5.25 21.63
N ILE A 151 -13.23 -4.71 22.82
CA ILE A 151 -12.48 -5.46 23.82
C ILE A 151 -13.19 -6.75 24.19
N ASP A 152 -14.52 -6.70 24.35
CA ASP A 152 -15.25 -7.90 24.76
C ASP A 152 -15.07 -9.03 23.76
N GLU A 153 -15.04 -8.72 22.47
CA GLU A 153 -14.85 -9.77 21.48
C GLU A 153 -13.41 -10.31 21.53
N LEU A 154 -12.43 -9.43 21.79
CA LEU A 154 -11.07 -9.91 21.92
C LEU A 154 -10.91 -10.80 23.15
N GLU A 155 -11.52 -10.39 24.27
CA GLU A 155 -11.51 -11.25 25.46
C GLU A 155 -12.14 -12.60 25.18
N ALA A 156 -13.26 -12.62 24.45
CA ALA A 156 -13.92 -13.88 24.12
C ALA A 156 -13.07 -14.74 23.17
N CYS A 157 -12.49 -14.13 22.13
CA CYS A 157 -11.67 -14.88 21.21
C CYS A 157 -10.48 -15.53 21.93
N THR A 158 -9.83 -14.77 22.81
CA THR A 158 -8.61 -15.28 23.42
C THR A 158 -8.91 -16.45 24.37
N GLN A 159 -10.16 -16.60 24.81
CA GLN A 159 -10.50 -17.76 25.62
C GLN A 159 -10.79 -18.99 24.78
N SER A 160 -11.22 -18.82 23.53
CA SER A 160 -11.66 -19.94 22.71
C SER A 160 -10.75 -20.25 21.54
N HIS A 161 -9.66 -19.52 21.35
CA HIS A 161 -8.74 -19.75 20.24
C HIS A 161 -7.32 -19.82 20.75
N ASP A 162 -6.47 -20.50 19.97
CA ASP A 162 -5.04 -20.61 20.32
C ASP A 162 -4.31 -19.30 20.08
N LEU A 163 -4.79 -18.50 19.13
CA LEU A 163 -4.13 -17.26 18.75
C LEU A 163 -5.21 -16.32 18.23
N THR A 164 -5.17 -15.06 18.66
CA THR A 164 -6.09 -14.02 18.17
C THR A 164 -5.25 -12.88 17.61
N LEU A 165 -5.54 -12.51 16.35
CA LEU A 165 -4.85 -11.42 15.66
C LEU A 165 -5.82 -10.27 15.39
N VAL A 166 -5.30 -9.05 15.40
CA VAL A 166 -6.08 -7.87 15.06
C VAL A 166 -5.54 -7.36 13.74
N ALA A 167 -6.42 -7.31 12.73
CA ALA A 167 -6.05 -6.94 11.36
C ALA A 167 -6.97 -5.83 10.84
N SER A 168 -7.29 -4.86 11.69
CA SER A 168 -8.33 -3.86 11.44
C SER A 168 -7.81 -2.59 10.75
N GLY A 169 -6.59 -2.61 10.23
CA GLY A 169 -6.11 -1.49 9.44
C GLY A 169 -6.13 -0.18 10.21
N LYS A 170 -6.71 0.85 9.58
CA LYS A 170 -6.83 2.17 10.18
C LYS A 170 -8.04 2.30 11.11
N GLY A 171 -8.66 1.18 11.51
CA GLY A 171 -9.78 1.24 12.42
C GLY A 171 -9.39 1.67 13.82
N GLU A 172 -10.41 2.10 14.59
CA GLU A 172 -10.16 2.65 15.92
C GLU A 172 -9.56 1.61 16.87
N ILE A 173 -9.97 0.34 16.76
CA ILE A 173 -9.50 -0.66 17.70
C ILE A 173 -7.99 -0.88 17.56
N SER A 174 -7.42 -0.55 16.40
CA SER A 174 -5.97 -0.60 16.24
C SER A 174 -5.23 0.19 17.32
N LYS A 175 -5.88 1.18 17.94
CA LYS A 175 -5.21 1.98 18.97
C LYS A 175 -5.07 1.24 20.29
N LEU A 176 -5.61 0.03 20.40
CA LEU A 176 -5.27 -0.86 21.50
C LEU A 176 -3.77 -1.12 21.61
N PHE A 177 -3.05 -0.99 20.49
CA PHE A 177 -1.61 -1.27 20.46
C PHE A 177 -0.83 0.01 20.71
N GLU A 178 0.18 -0.09 21.57
CA GLU A 178 0.93 1.09 21.99
C GLU A 178 1.78 1.65 20.86
N ARG A 179 1.74 2.97 20.71
CA ARG A 179 2.61 3.61 19.71
C ARG A 179 4.07 3.38 20.06
N ASP A 180 4.87 3.05 19.05
CA ASP A 180 6.29 2.81 19.21
C ASP A 180 6.97 4.11 18.78
N ALA A 181 7.34 4.94 19.76
CA ALA A 181 7.83 6.27 19.43
C ALA A 181 9.16 6.20 18.71
N HIS A 182 10.02 5.25 19.07
CA HIS A 182 11.32 5.19 18.43
C HIS A 182 11.21 4.81 16.96
N LYS A 183 10.19 4.04 16.59
CA LYS A 183 10.01 3.65 15.19
C LYS A 183 9.08 4.60 14.44
N SER A 184 8.62 5.68 15.09
CA SER A 184 7.64 6.61 14.53
C SER A 184 8.20 8.02 14.62
N PRO A 185 9.00 8.45 13.63
CA PRO A 185 9.59 9.80 13.68
C PRO A 185 8.58 10.93 13.50
N TYR A 186 7.40 10.63 12.99
CA TYR A 186 6.38 11.62 12.73
C TYR A 186 5.21 11.39 13.69
N ASP A 187 4.63 12.49 14.18
CA ASP A 187 3.38 12.39 14.92
C ASP A 187 2.24 13.18 14.27
N LYS A 188 2.45 13.74 13.10
CA LYS A 188 1.45 14.46 12.32
C LYS A 188 1.47 13.95 10.90
N PRO A 189 0.34 14.11 10.18
CA PRO A 189 0.33 13.81 8.74
C PRO A 189 1.39 14.63 8.00
N GLN A 190 1.98 14.01 6.99
CA GLN A 190 2.97 14.67 6.18
C GLN A 190 2.49 14.97 4.76
N ARG A 191 1.30 14.49 4.41
CA ARG A 191 0.69 14.74 3.13
C ARG A 191 -0.84 14.75 3.30
N ALA A 192 -1.47 15.65 2.55
CA ALA A 192 -2.92 15.62 2.32
C ALA A 192 -3.20 14.72 1.14
N LEU A 193 -4.00 13.68 1.36
CA LEU A 193 -4.20 12.62 0.39
C LEU A 193 -5.55 12.74 -0.31
N ALA A 194 -5.60 12.31 -1.57
CA ALA A 194 -6.85 12.10 -2.26
C ALA A 194 -6.69 11.01 -3.32
N LEU A 195 -7.80 10.33 -3.60
CA LEU A 195 -7.91 9.31 -4.65
C LEU A 195 -9.09 9.67 -5.55
N THR A 196 -8.92 9.41 -6.84
CA THR A 196 -9.99 9.55 -7.83
C THR A 196 -9.91 8.44 -8.87
N TYR A 197 -10.94 7.61 -8.93
CA TYR A 197 -11.01 6.49 -9.86
C TYR A 197 -11.79 6.96 -11.08
N VAL A 198 -11.21 6.87 -12.27
CA VAL A 198 -11.85 7.41 -13.46
C VAL A 198 -11.89 6.42 -14.60
N LYS A 199 -12.90 6.59 -15.45
CA LYS A 199 -12.97 5.96 -16.77
C LYS A 199 -12.69 7.02 -17.84
N GLY A 200 -12.25 6.56 -19.00
CA GLY A 200 -12.09 7.43 -20.14
C GLY A 200 -10.71 8.02 -20.33
N MET A 201 -9.77 7.71 -19.45
CA MET A 201 -8.42 8.26 -19.61
C MET A 201 -7.74 7.61 -20.80
N ALA A 202 -7.03 8.43 -21.57
CA ALA A 202 -6.31 7.88 -22.70
C ALA A 202 -5.27 6.89 -22.17
N PRO A 203 -5.20 5.67 -22.70
CA PRO A 203 -4.18 4.72 -22.24
C PRO A 203 -2.78 5.24 -22.53
N ARG A 204 -1.87 4.95 -21.61
CA ARG A 204 -0.48 5.31 -21.83
C ARG A 204 0.11 4.45 -22.94
N GLU A 205 0.90 5.10 -23.82
CA GLU A 205 1.58 4.36 -24.88
C GLU A 205 3.07 4.68 -24.83
N PRO A 206 3.93 3.71 -25.16
CA PRO A 206 3.60 2.40 -25.73
C PRO A 206 3.43 1.26 -24.72
N PHE A 207 3.53 1.61 -23.44
CA PHE A 207 3.31 0.65 -22.37
C PHE A 207 2.72 1.41 -21.18
N SER A 208 2.01 0.68 -20.36
CA SER A 208 1.42 1.25 -19.16
C SER A 208 2.47 1.48 -18.09
N ALA A 209 2.18 2.40 -17.18
CA ALA A 209 3.12 2.67 -16.13
C ALA A 209 2.45 3.38 -14.98
N VAL A 210 3.08 3.31 -13.81
CA VAL A 210 2.78 4.27 -12.75
C VAL A 210 3.48 5.55 -13.15
N CYS A 211 2.72 6.58 -13.49
CA CYS A 211 3.27 7.85 -13.94
C CYS A 211 3.42 8.74 -12.71
N PHE A 212 4.67 8.89 -12.24
CA PHE A 212 5.03 9.70 -11.09
CA PHE A 212 4.99 9.71 -11.08
C PHE A 212 5.24 11.14 -11.55
N ASN A 213 4.49 12.10 -10.99
CA ASN A 213 4.70 13.51 -11.24
C ASN A 213 5.09 14.18 -9.93
N LEU A 214 6.35 14.58 -9.82
CA LEU A 214 6.86 15.18 -8.59
CA LEU A 214 6.88 15.19 -8.60
C LEU A 214 6.87 16.69 -8.79
N ILE A 215 6.12 17.39 -7.94
CA ILE A 215 5.95 18.85 -8.03
C ILE A 215 6.76 19.47 -6.90
N PRO A 216 7.93 20.04 -7.18
CA PRO A 216 8.84 20.41 -6.10
C PRO A 216 8.19 21.41 -5.13
N GLY A 217 8.26 21.09 -3.86
CA GLY A 217 7.72 21.95 -2.84
C GLY A 217 6.22 21.91 -2.69
N VAL A 218 5.53 21.11 -3.52
CA VAL A 218 4.07 21.12 -3.58
C VAL A 218 3.46 19.76 -3.28
N GLY A 219 3.89 18.74 -4.00
CA GLY A 219 3.28 17.44 -3.80
C GLY A 219 3.60 16.49 -4.95
N GLU A 220 2.74 15.49 -5.08
CA GLU A 220 2.91 14.38 -5.99
C GLU A 220 1.58 13.95 -6.57
N TYR A 221 1.59 13.62 -7.88
CA TYR A 221 0.45 13.02 -8.59
C TYR A 221 0.95 11.74 -9.21
N PHE A 222 0.30 10.61 -8.86
CA PHE A 222 0.58 9.30 -9.44
C PHE A 222 -0.67 8.81 -10.16
N VAL A 223 -0.51 8.08 -11.28
CA VAL A 223 -1.68 7.57 -11.96
C VAL A 223 -1.32 6.29 -12.72
N PHE A 224 -2.22 5.33 -12.68
CA PHE A 224 -1.96 4.02 -13.26
C PHE A 224 -3.26 3.29 -13.48
N PRO A 225 -3.30 2.36 -14.43
CA PRO A 225 -4.52 1.56 -14.65
C PRO A 225 -4.75 0.52 -13.57
N ALA A 226 -6.02 0.15 -13.42
CA ALA A 226 -6.46 -0.69 -12.31
C ALA A 226 -7.77 -1.35 -12.72
N LEU A 227 -8.25 -2.24 -11.85
CA LEU A 227 -9.55 -2.88 -12.03
C LEU A 227 -10.45 -2.54 -10.84
N THR A 228 -11.65 -2.03 -11.15
CA THR A 228 -12.61 -1.79 -10.09
C THR A 228 -13.93 -2.48 -10.38
N THR A 229 -14.97 -2.14 -9.62
CA THR A 229 -16.21 -2.90 -9.66
C THR A 229 -16.98 -2.69 -10.95
N THR A 230 -16.69 -1.63 -11.70
CA THR A 230 -17.27 -1.38 -13.00
C THR A 230 -16.33 -1.72 -14.14
N GLY A 231 -15.20 -2.36 -13.84
CA GLY A 231 -14.28 -2.77 -14.86
C GLY A 231 -12.98 -1.99 -14.81
N PRO A 232 -12.22 -2.03 -15.91
CA PRO A 232 -10.91 -1.37 -15.92
C PRO A 232 -11.05 0.14 -15.79
N CYS A 233 -10.07 0.74 -15.13
CA CYS A 233 -10.07 2.18 -14.89
C CYS A 233 -8.63 2.65 -14.76
N GLU A 234 -8.46 3.94 -14.46
CA GLU A 234 -7.20 4.46 -13.93
C GLU A 234 -7.46 5.11 -12.59
N ILE A 235 -6.48 5.00 -11.70
CA ILE A 235 -6.57 5.60 -10.37
C ILE A 235 -5.61 6.79 -10.32
N MET A 236 -6.15 7.94 -9.96
CA MET A 236 -5.39 9.15 -9.69
C MET A 236 -5.12 9.25 -8.20
N VAL A 237 -3.86 9.42 -7.84
CA VAL A 237 -3.45 9.55 -6.46
C VAL A 237 -2.79 10.90 -6.28
N PHE A 238 -3.31 11.69 -5.36
CA PHE A 238 -2.81 13.03 -5.09
C PHE A 238 -2.26 13.12 -3.68
N GLU A 239 -1.06 13.65 -3.52
CA GLU A 239 -0.50 13.93 -2.20
C GLU A 239 0.02 15.34 -2.15
N GLY A 240 -0.35 16.12 -1.16
CA GLY A 240 0.05 17.51 -1.04
C GLY A 240 0.74 17.81 0.28
N VAL A 241 1.83 18.54 0.17
CA VAL A 241 2.51 19.05 1.35
C VAL A 241 1.44 19.81 2.13
N PRO A 242 1.28 19.58 3.43
CA PRO A 242 0.18 20.26 4.15
C PRO A 242 0.35 21.76 4.09
N GLY A 243 -0.77 22.45 3.81
CA GLY A 243 -0.79 23.88 3.71
C GLY A 243 -0.35 24.42 2.37
N GLY A 244 -0.01 23.54 1.45
CA GLY A 244 0.47 23.96 0.16
C GLY A 244 -0.61 23.98 -0.89
N PRO A 245 -0.22 24.25 -2.13
CA PRO A 245 -1.23 24.36 -3.21
C PRO A 245 -1.98 23.07 -3.51
N MET A 246 -1.44 21.90 -3.14
CA MET A 246 -2.15 20.62 -3.32
C MET A 246 -2.77 20.10 -2.02
N ASP A 247 -2.79 20.90 -0.96
CA ASP A 247 -3.63 20.62 0.19
C ASP A 247 -4.98 21.30 -0.04
N CYS A 248 -5.73 20.73 -0.97
CA CYS A 248 -6.82 21.46 -1.65
C CYS A 248 -8.12 20.68 -1.69
N TRP A 249 -8.45 19.94 -0.64
CA TRP A 249 -9.66 19.13 -0.66
C TRP A 249 -10.71 19.56 0.38
N ALA A 250 -10.41 20.53 1.23
CA ALA A 250 -11.29 20.82 2.37
C ALA A 250 -12.65 21.33 1.93
N ASP A 251 -12.73 22.02 0.81
CA ASP A 251 -13.99 22.58 0.34
C ASP A 251 -14.72 21.67 -0.66
N VAL A 252 -14.24 20.46 -0.86
CA VAL A 252 -14.84 19.55 -1.83
C VAL A 252 -15.88 18.71 -1.09
N LYS A 253 -17.15 18.85 -1.49
CA LYS A 253 -18.24 18.22 -0.77
C LYS A 253 -19.12 17.31 -1.61
N THR A 254 -18.89 17.23 -2.92
CA THR A 254 -19.68 16.37 -3.79
C THR A 254 -18.75 15.62 -4.74
N PRO A 255 -19.22 14.53 -5.34
CA PRO A 255 -18.38 13.82 -6.32
C PRO A 255 -18.04 14.66 -7.52
N GLU A 256 -19.01 15.45 -8.00
CA GLU A 256 -18.72 16.32 -9.12
C GLU A 256 -17.62 17.32 -8.76
N GLU A 257 -17.68 17.86 -7.54
CA GLU A 257 -16.65 18.81 -7.14
C GLU A 257 -15.29 18.12 -7.01
N HIS A 258 -15.30 16.86 -6.58
CA HIS A 258 -14.07 16.10 -6.46
C HIS A 258 -13.45 15.82 -7.82
N LEU A 259 -14.26 15.42 -8.79
CA LEU A 259 -13.74 15.27 -10.14
C LEU A 259 -13.15 16.59 -10.63
N ALA A 260 -13.85 17.68 -10.36
CA ALA A 260 -13.40 18.95 -10.91
C ALA A 260 -12.07 19.36 -10.29
N ARG A 261 -11.93 19.18 -8.98
CA ARG A 261 -10.69 19.54 -8.30
C ARG A 261 -9.55 18.66 -8.79
N SER A 262 -9.84 17.39 -9.08
CA SER A 262 -8.86 16.51 -9.68
C SER A 262 -8.36 17.06 -11.02
N LYS A 263 -9.27 17.48 -11.88
CA LYS A 263 -8.84 18.01 -13.16
C LYS A 263 -8.09 19.33 -13.00
N TRP A 264 -8.50 20.14 -12.01
CA TRP A 264 -7.80 21.40 -11.73
C TRP A 264 -6.33 21.17 -11.39
N ILE A 265 -6.05 20.17 -10.56
CA ILE A 265 -4.64 19.88 -10.23
C ILE A 265 -3.86 19.56 -11.49
N LEU A 266 -4.42 18.70 -12.36
CA LEU A 266 -3.69 18.34 -13.57
C LEU A 266 -3.52 19.55 -14.48
N ASP A 267 -4.59 20.34 -14.69
CA ASP A 267 -4.49 21.53 -15.52
C ASP A 267 -3.41 22.48 -15.01
N THR A 268 -3.32 22.60 -13.69
CA THR A 268 -2.43 23.58 -13.07
C THR A 268 -1.00 23.09 -13.03
N PHE A 269 -0.76 21.82 -12.68
CA PHE A 269 0.58 21.34 -12.38
C PHE A 269 1.16 20.37 -13.39
N THR A 270 0.35 19.63 -14.13
CA THR A 270 0.82 18.56 -15.00
C THR A 270 -0.02 18.56 -16.27
N PRO A 271 0.10 19.62 -17.08
CA PRO A 271 -0.75 19.70 -18.28
C PRO A 271 -0.51 18.59 -19.28
N TRP A 272 0.69 18.01 -19.29
CA TRP A 272 0.92 16.83 -20.12
C TRP A 272 0.02 15.67 -19.72
N GLU A 273 -0.33 15.56 -18.43
CA GLU A 273 -1.28 14.53 -18.02
C GLU A 273 -2.72 14.94 -18.31
N ALA A 274 -3.03 16.23 -18.23
CA ALA A 274 -4.38 16.69 -18.58
C ALA A 274 -4.75 16.35 -20.01
N GLU A 275 -3.75 16.29 -20.92
CA GLU A 275 -4.03 15.89 -22.30
C GLU A 275 -4.64 14.49 -22.40
N ARG A 276 -4.38 13.63 -21.42
CA ARG A 276 -4.97 12.29 -21.44
C ARG A 276 -6.37 12.26 -20.86
N CYS A 277 -6.83 13.38 -20.29
CA CYS A 277 -8.03 13.41 -19.46
C CYS A 277 -9.12 14.31 -20.00
N LYS A 278 -9.12 14.55 -21.30
CA LYS A 278 -10.15 15.45 -21.84
C LYS A 278 -11.54 14.87 -21.68
N ASP A 279 -11.67 13.56 -21.38
CA ASP A 279 -12.96 12.90 -21.39
C ASP A 279 -13.16 11.97 -20.19
N ILE A 280 -12.64 12.31 -19.05
CA ILE A 280 -12.71 11.39 -17.92
C ILE A 280 -14.00 11.62 -17.14
N GLU A 281 -14.49 10.51 -16.57
CA GLU A 281 -15.61 10.54 -15.63
C GLU A 281 -15.24 9.65 -14.46
N LEU A 282 -15.88 9.89 -13.31
CA LEU A 282 -15.72 8.96 -12.20
C LEU A 282 -16.24 7.58 -12.58
N THR A 283 -15.58 6.53 -12.06
CA THR A 283 -16.12 5.19 -12.24
C THR A 283 -17.47 5.07 -11.57
N ASP A 284 -17.62 5.71 -10.42
CA ASP A 284 -18.84 5.70 -9.61
C ASP A 284 -18.67 6.81 -8.59
N ASP A 285 -19.80 7.24 -7.99
CA ASP A 285 -19.71 8.36 -7.08
C ASP A 285 -18.93 8.05 -5.81
N ASN A 286 -18.71 6.77 -5.48
CA ASN A 286 -17.90 6.40 -4.33
C ASN A 286 -16.45 6.08 -4.71
N GLY A 287 -16.06 6.37 -5.94
CA GLY A 287 -14.69 6.16 -6.40
C GLY A 287 -13.79 7.34 -6.06
N ILE A 288 -13.98 7.91 -4.88
CA ILE A 288 -13.27 9.11 -4.46
C ILE A 288 -12.94 9.00 -2.98
N LEU A 289 -11.86 9.65 -2.57
CA LEU A 289 -11.44 9.64 -1.19
C LEU A 289 -10.56 10.85 -0.92
N ALA A 290 -10.63 11.35 0.30
CA ALA A 290 -9.69 12.36 0.73
C ALA A 290 -9.48 12.22 2.22
N GLY A 291 -8.27 12.48 2.68
CA GLY A 291 -7.97 12.32 4.09
C GLY A 291 -6.49 12.46 4.34
N ARG A 292 -6.10 12.16 5.57
CA ARG A 292 -4.68 12.20 5.92
C ARG A 292 -4.49 11.47 7.24
N PHE A 293 -3.25 11.01 7.46
CA PHE A 293 -2.92 10.35 8.71
C PHE A 293 -1.41 10.44 8.97
N ALA A 294 -1.05 10.34 10.24
CA ALA A 294 0.36 10.36 10.60
C ALA A 294 0.96 8.97 10.44
N PRO A 295 2.11 8.83 9.78
CA PRO A 295 2.77 7.52 9.76
C PRO A 295 3.00 7.04 11.19
N THR A 296 2.69 5.77 11.44
CA THR A 296 2.81 5.25 12.80
C THR A 296 3.23 3.81 12.79
N VAL A 297 4.13 3.46 13.71
CA VAL A 297 4.46 2.07 13.99
C VAL A 297 4.02 1.82 15.41
N ARG A 298 3.45 0.65 15.66
CA ARG A 298 2.96 0.29 16.99
CA ARG A 298 2.99 0.32 17.00
C ARG A 298 3.65 -0.96 17.49
N LYS A 299 3.62 -1.17 18.81
CA LYS A 299 4.14 -2.40 19.37
C LYS A 299 3.16 -3.52 19.08
N PRO A 300 3.63 -4.71 18.66
CA PRO A 300 2.72 -5.70 18.11
C PRO A 300 1.92 -6.51 19.12
N VAL A 301 2.29 -6.53 20.40
CA VAL A 301 1.58 -7.34 21.39
C VAL A 301 0.75 -6.41 22.26
N ALA A 302 -0.56 -6.63 22.28
CA ALA A 302 -1.46 -5.87 23.15
C ALA A 302 -1.97 -6.80 24.24
N THR A 303 -2.09 -6.25 25.45
CA THR A 303 -2.55 -7.01 26.60
C THR A 303 -3.94 -6.52 26.97
N LEU A 304 -4.88 -7.46 27.03
CA LEU A 304 -6.25 -7.16 27.38
C LEU A 304 -6.37 -7.02 28.90
N PRO A 305 -7.46 -6.44 29.37
CA PRO A 305 -7.70 -6.37 30.83
C PRO A 305 -7.55 -7.70 31.54
N SER A 306 -7.95 -8.80 30.90
CA SER A 306 -7.81 -10.12 31.49
C SER A 306 -6.36 -10.57 31.64
N GLY A 307 -5.44 -9.89 30.97
CA GLY A 307 -4.06 -10.33 30.90
C GLY A 307 -3.72 -11.18 29.69
N ARG A 308 -4.73 -11.65 28.95
CA ARG A 308 -4.46 -12.38 27.73
C ARG A 308 -3.99 -11.39 26.67
N LYS A 309 -3.43 -11.94 25.60
CA LYS A 309 -2.69 -11.15 24.64
C LYS A 309 -3.23 -11.37 23.23
N VAL A 310 -3.07 -10.34 22.39
CA VAL A 310 -3.41 -10.39 20.98
C VAL A 310 -2.26 -9.79 20.18
N LEU A 311 -2.18 -10.19 18.91
CA LEU A 311 -1.07 -9.86 18.01
C LEU A 311 -1.60 -8.99 16.89
N GLY A 312 -0.95 -7.82 16.65
CA GLY A 312 -1.36 -6.97 15.53
C GLY A 312 -0.71 -7.36 14.21
N LEU A 313 -1.44 -7.12 13.10
CA LEU A 313 -1.03 -7.49 11.75
C LEU A 313 -1.10 -6.31 10.78
N ALA A 314 -0.09 -6.21 9.90
CA ALA A 314 -0.07 -5.24 8.80
C ALA A 314 -0.35 -3.80 9.26
N ASP A 315 -1.36 -3.13 8.72
CA ASP A 315 -1.47 -1.69 9.01
C ASP A 315 -1.72 -1.39 10.49
N VAL A 316 -2.16 -2.36 11.27
CA VAL A 316 -2.32 -2.12 12.71
C VAL A 316 -0.98 -1.76 13.35
N VAL A 317 0.10 -2.39 12.89
CA VAL A 317 1.41 -2.22 13.53
C VAL A 317 2.38 -1.40 12.69
N VAL A 318 2.23 -1.36 11.37
CA VAL A 318 3.11 -0.56 10.53
C VAL A 318 2.24 0.17 9.51
N LEU A 319 2.05 1.46 9.73
CA LEU A 319 1.22 2.30 8.87
C LEU A 319 2.07 3.38 8.22
N ASN A 320 2.23 3.30 6.91
CA ASN A 320 3.03 4.26 6.19
C ASN A 320 2.17 5.14 5.30
N ASP A 321 2.66 6.34 5.03
CA ASP A 321 2.03 7.21 4.04
C ASP A 321 2.05 6.47 2.71
N PRO A 322 1.00 6.68 1.86
CA PRO A 322 0.93 5.94 0.59
C PRO A 322 1.90 6.41 -0.49
N ILE A 323 2.80 7.34 -0.17
CA ILE A 323 3.57 8.02 -1.23
C ILE A 323 4.42 7.04 -2.02
N THR A 324 4.86 5.93 -1.39
CA THR A 324 5.74 4.98 -2.05
C THR A 324 4.98 3.78 -2.59
N GLY A 325 3.67 3.77 -2.47
CA GLY A 325 2.84 2.72 -3.04
C GLY A 325 3.03 1.34 -2.43
N GLN A 326 3.27 1.28 -1.13
CA GLN A 326 3.69 0.02 -0.51
C GLN A 326 2.69 -0.63 0.42
N GLY A 327 1.59 0.04 0.78
CA GLY A 327 0.73 -0.52 1.83
C GLY A 327 0.23 -1.93 1.53
N SER A 328 -0.30 -2.13 0.34
CA SER A 328 -0.82 -3.45 -0.01
CA SER A 328 -0.82 -3.44 -0.02
C SER A 328 0.30 -4.45 -0.26
N ASN A 329 1.46 -4.00 -0.73
CA ASN A 329 2.59 -4.90 -0.79
C ASN A 329 3.01 -5.32 0.60
N ASN A 330 3.06 -4.38 1.53
CA ASN A 330 3.37 -4.70 2.92
C ASN A 330 2.36 -5.68 3.49
N ALA A 331 1.09 -5.50 3.14
CA ALA A 331 0.04 -6.36 3.69
C ALA A 331 0.22 -7.79 3.25
N ALA A 332 0.53 -8.01 1.97
CA ALA A 332 0.77 -9.36 1.48
C ALA A 332 2.02 -9.97 2.10
N LYS A 333 3.09 -9.17 2.19
CA LYS A 333 4.34 -9.69 2.74
C LYS A 333 4.22 -9.95 4.24
N CYS A 334 3.51 -9.07 4.96
CA CYS A 334 3.29 -9.30 6.38
C CYS A 334 2.50 -10.59 6.62
N ALA A 335 1.39 -10.76 5.92
CA ALA A 335 0.59 -11.97 6.12
C ALA A 335 1.34 -13.23 5.72
N ASP A 336 2.23 -13.12 4.73
CA ASP A 336 3.08 -14.26 4.35
C ASP A 336 4.02 -14.64 5.48
N THR A 337 4.69 -13.63 6.06
CA THR A 337 5.61 -13.88 7.17
C THR A 337 4.87 -14.44 8.37
N TYR A 338 3.69 -13.89 8.70
CA TYR A 338 2.95 -14.44 9.83
C TYR A 338 2.46 -15.85 9.57
N LEU A 339 2.00 -16.15 8.35
CA LEU A 339 1.55 -17.50 8.06
C LEU A 339 2.70 -18.49 8.19
N LYS A 340 3.86 -18.13 7.65
CA LYS A 340 5.01 -19.03 7.74
C LYS A 340 5.40 -19.27 9.18
N SER A 341 5.29 -18.23 10.02
CA SER A 341 5.67 -18.38 11.42
C SER A 341 4.68 -19.27 12.16
N ILE A 342 3.39 -19.13 11.86
CA ILE A 342 2.38 -20.01 12.46
C ILE A 342 2.61 -21.45 12.05
N LEU A 343 2.83 -21.69 10.76
CA LEU A 343 2.97 -23.07 10.28
C LEU A 343 4.19 -23.71 10.87
N ALA A 344 5.25 -22.94 11.11
CA ALA A 344 6.47 -23.51 11.69
C ALA A 344 6.30 -23.80 13.17
N ARG A 345 5.45 -23.04 13.83
CA ARG A 345 5.35 -23.14 15.29
C ARG A 345 4.70 -24.44 15.72
N GLY A 346 3.82 -25.01 14.88
CA GLY A 346 3.17 -26.27 15.19
C GLY A 346 2.26 -26.18 16.39
N ASP A 347 2.53 -26.99 17.42
CA ASP A 347 1.81 -26.95 18.68
C ASP A 347 2.53 -26.14 19.74
N GLY A 348 3.61 -25.44 19.38
CA GLY A 348 4.22 -24.53 20.33
C GLY A 348 3.24 -23.46 20.75
N ALA A 349 3.47 -22.88 21.93
CA ALA A 349 2.54 -21.91 22.46
C ALA A 349 2.56 -20.64 21.62
N ALA A 350 1.39 -20.05 21.38
CA ALA A 350 1.33 -18.73 20.75
C ALA A 350 1.43 -17.64 21.81
N ASP A 351 2.59 -17.59 22.49
CA ASP A 351 2.75 -16.68 23.61
C ASP A 351 3.33 -15.36 23.15
N ALA A 352 3.45 -14.43 24.10
CA ALA A 352 3.89 -13.07 23.75
C ALA A 352 5.25 -13.12 23.07
N ALA A 353 6.15 -13.99 23.53
CA ALA A 353 7.46 -14.07 22.90
C ALA A 353 7.36 -14.48 21.44
N TRP A 354 6.53 -15.49 21.15
CA TRP A 354 6.37 -15.92 19.76
C TRP A 354 5.75 -14.81 18.91
N MET A 355 4.74 -14.14 19.46
CA MET A 355 4.13 -13.00 18.77
C MET A 355 5.15 -11.94 18.42
N GLN A 356 5.94 -11.52 19.41
CA GLN A 356 6.93 -10.47 19.21
C GLN A 356 7.95 -10.88 18.19
N GLN A 357 8.45 -12.13 18.28
CA GLN A 357 9.46 -12.57 17.32
CA GLN A 357 9.46 -12.60 17.33
C GLN A 357 8.91 -12.60 15.91
N THR A 358 7.62 -12.92 15.77
CA THR A 358 6.99 -12.94 14.46
C THR A 358 6.96 -11.55 13.85
N PHE A 359 6.54 -10.55 14.63
CA PHE A 359 6.62 -9.17 14.16
C PHE A 359 8.06 -8.75 13.88
N ASP A 360 8.97 -9.09 14.80
CA ASP A 360 10.36 -8.67 14.64
C ASP A 360 10.94 -9.16 13.30
N ARG A 361 10.59 -10.37 12.90
CA ARG A 361 11.10 -10.89 11.64
CA ARG A 361 11.11 -10.88 11.64
C ARG A 361 10.60 -10.05 10.47
N TYR A 362 9.32 -9.67 10.50
CA TYR A 362 8.79 -8.77 9.48
C TYR A 362 9.46 -7.41 9.55
N TRP A 363 9.57 -6.83 10.75
CA TRP A 363 10.10 -5.48 10.88
C TRP A 363 11.59 -5.43 10.53
N PHE A 364 12.43 -6.18 11.24
CA PHE A 364 13.88 -6.06 10.99
C PHE A 364 14.28 -6.64 9.65
N GLY A 365 13.59 -7.66 9.15
CA GLY A 365 13.96 -8.22 7.87
C GLY A 365 13.49 -7.41 6.67
N TYR A 366 12.43 -6.62 6.83
CA TYR A 366 11.77 -6.01 5.67
C TYR A 366 11.20 -4.61 5.96
N ALA A 367 10.23 -4.52 6.89
CA ALA A 367 9.41 -3.31 6.98
C ALA A 367 10.19 -2.13 7.52
N GLN A 368 11.25 -2.35 8.29
CA GLN A 368 12.01 -1.22 8.78
C GLN A 368 12.61 -0.43 7.62
N TRP A 369 12.95 -1.15 6.55
CA TRP A 369 13.55 -0.47 5.40
CA TRP A 369 13.54 -0.50 5.39
C TRP A 369 12.49 0.23 4.55
N VAL A 370 11.35 -0.41 4.34
CA VAL A 370 10.26 0.26 3.61
C VAL A 370 9.88 1.52 4.37
N THR A 371 9.83 1.42 5.68
CA THR A 371 9.34 2.52 6.50
C THR A 371 10.33 3.68 6.51
N GLN A 372 11.61 3.38 6.70
CA GLN A 372 12.62 4.44 6.76
C GLN A 372 12.69 5.18 5.43
N TRP A 373 12.66 4.43 4.34
CA TRP A 373 12.70 5.02 3.00
C TRP A 373 11.46 5.86 2.74
N THR A 374 10.28 5.33 3.07
CA THR A 374 9.06 6.12 2.87
C THR A 374 9.09 7.41 3.70
N ASN A 375 9.53 7.31 4.97
CA ASN A 375 9.57 8.50 5.80
C ASN A 375 10.59 9.52 5.32
N MET A 376 11.70 9.08 4.76
CA MET A 376 12.64 10.04 4.20
C MET A 376 12.08 10.70 2.96
N LEU A 377 11.35 9.95 2.13
CA LEU A 377 10.81 10.54 0.90
C LEU A 377 9.76 11.60 1.20
N LEU A 378 9.15 11.56 2.40
CA LEU A 378 8.16 12.57 2.75
C LEU A 378 8.79 13.91 3.07
N ALA A 379 10.08 13.93 3.40
CA ALA A 379 10.77 15.13 3.77
C ALA A 379 11.36 15.80 2.53
N PRO A 380 11.75 17.07 2.63
CA PRO A 380 12.35 17.74 1.47
C PRO A 380 13.63 17.04 1.05
N PRO A 381 13.84 16.86 -0.24
CA PRO A 381 14.95 16.03 -0.71
C PRO A 381 16.26 16.78 -0.69
N PRO A 382 17.35 16.09 -0.33
CA PRO A 382 18.68 16.72 -0.39
C PRO A 382 19.18 16.80 -1.83
N PRO A 383 20.26 17.53 -2.08
CA PRO A 383 20.69 17.78 -3.47
C PRO A 383 21.07 16.54 -4.23
N HIS A 384 21.66 15.55 -3.55
CA HIS A 384 22.08 14.38 -4.30
C HIS A 384 20.89 13.65 -4.91
N VAL A 385 19.69 13.84 -4.37
CA VAL A 385 18.51 13.16 -4.90
C VAL A 385 18.13 13.74 -6.26
N LEU A 386 18.08 15.06 -6.37
CA LEU A 386 17.79 15.66 -7.66
CA LEU A 386 17.80 15.67 -7.67
C LEU A 386 18.80 15.21 -8.72
N ASN A 387 20.09 15.10 -8.35
CA ASN A 387 21.10 14.63 -9.30
C ASN A 387 20.81 13.18 -9.69
N LEU A 388 20.36 12.38 -8.73
CA LEU A 388 20.07 10.97 -9.04
CA LEU A 388 20.04 10.97 -9.00
C LEU A 388 18.88 10.86 -9.98
N LEU A 389 17.77 11.55 -9.68
CA LEU A 389 16.59 11.47 -10.53
C LEU A 389 16.85 12.03 -11.92
N GLY A 390 17.65 13.09 -12.02
CA GLY A 390 17.99 13.60 -13.34
C GLY A 390 18.92 12.67 -14.10
N SER A 391 19.91 12.12 -13.42
CA SER A 391 20.82 11.17 -14.05
C SER A 391 20.08 9.96 -14.57
N ALA A 392 19.02 9.55 -13.91
CA ALA A 392 18.28 8.38 -14.36
C ALA A 392 17.73 8.60 -15.76
N GLY A 393 17.45 9.85 -16.13
CA GLY A 393 16.94 10.14 -17.46
C GLY A 393 17.95 9.98 -18.55
N ALA A 394 19.24 9.91 -18.20
CA ALA A 394 20.29 9.71 -19.16
C ALA A 394 21.00 8.37 -18.99
N VAL A 395 20.58 7.55 -18.02
CA VAL A 395 21.27 6.31 -17.66
C VAL A 395 20.22 5.21 -17.48
N PRO A 396 19.84 4.47 -18.52
CA PRO A 396 18.68 3.58 -18.42
C PRO A 396 18.82 2.53 -17.33
N PRO A 397 20.00 1.98 -17.07
CA PRO A 397 20.07 0.99 -15.97
C PRO A 397 19.70 1.59 -14.63
N LEU A 398 19.94 2.88 -14.43
CA LEU A 398 19.58 3.51 -13.17
C LEU A 398 18.08 3.73 -13.12
N ALA A 399 17.50 4.14 -14.24
CA ALA A 399 16.04 4.23 -14.28
C ALA A 399 15.40 2.87 -13.99
N SER A 400 16.01 1.79 -14.51
CA SER A 400 15.46 0.46 -14.30
CA SER A 400 15.46 0.47 -14.30
C SER A 400 15.55 0.07 -12.84
N ALA A 401 16.68 0.35 -12.20
CA ALA A 401 16.83 0.11 -10.77
C ALA A 401 15.79 0.87 -9.96
N PHE A 402 15.56 2.14 -10.31
CA PHE A 402 14.53 2.92 -9.64
CA PHE A 402 14.52 2.92 -9.65
C PHE A 402 13.17 2.23 -9.78
N ALA A 403 12.81 1.85 -11.00
CA ALA A 403 11.50 1.25 -11.20
C ALA A 403 11.38 -0.04 -10.40
N ASN A 404 12.36 -0.94 -10.54
CA ASN A 404 12.21 -2.27 -9.94
C ASN A 404 12.43 -2.29 -8.45
N GLY A 405 13.05 -1.26 -7.90
CA GLY A 405 13.13 -1.13 -6.47
C GLY A 405 11.78 -1.05 -5.78
N PHE A 406 10.74 -0.62 -6.50
CA PHE A 406 9.43 -0.57 -5.86
C PHE A 406 8.92 -1.95 -5.53
N ASP A 407 9.56 -3.00 -6.08
CA ASP A 407 9.18 -4.37 -5.73
C ASP A 407 9.89 -4.86 -4.48
N ASP A 408 10.99 -4.20 -4.10
CA ASP A 408 11.75 -4.56 -2.90
C ASP A 408 12.59 -3.36 -2.50
N PRO A 409 12.03 -2.46 -1.69
CA PRO A 409 12.73 -1.20 -1.39
C PRO A 409 14.02 -1.39 -0.63
N ARG A 410 14.32 -2.59 -0.13
CA ARG A 410 15.64 -2.81 0.43
C ARG A 410 16.72 -2.52 -0.59
N THR A 411 16.44 -2.74 -1.87
CA THR A 411 17.43 -2.53 -2.91
C THR A 411 17.81 -1.08 -3.10
N PHE A 412 17.09 -0.12 -2.49
CA PHE A 412 17.48 1.28 -2.56
C PHE A 412 18.57 1.67 -1.57
N PHE A 413 18.86 0.83 -0.57
CA PHE A 413 19.84 1.21 0.45
C PHE A 413 21.23 0.77 0.03
N PRO A 414 22.28 1.58 0.28
CA PRO A 414 22.29 2.91 0.92
C PRO A 414 22.26 4.06 -0.07
N TRP A 415 22.20 3.74 -1.36
CA TRP A 415 22.53 4.73 -2.37
C TRP A 415 21.44 5.79 -2.57
N PHE A 416 20.18 5.53 -2.19
CA PHE A 416 19.21 6.62 -2.28
C PHE A 416 19.43 7.71 -1.22
N ALA A 417 20.09 7.37 -0.11
CA ALA A 417 20.11 8.24 1.05
C ALA A 417 21.43 8.95 1.27
N ASP A 418 22.52 8.43 0.73
CA ASP A 418 23.86 8.94 0.95
C ASP A 418 24.48 9.46 -0.35
N ALA A 419 24.97 10.70 -0.32
CA ALA A 419 25.45 11.34 -1.54
C ALA A 419 26.57 10.55 -2.20
N ALA A 420 27.57 10.14 -1.42
CA ALA A 420 28.70 9.42 -1.99
C ALA A 420 28.25 8.08 -2.57
N GLU A 421 27.42 7.34 -1.85
CA GLU A 421 26.93 6.07 -2.37
C GLU A 421 26.05 6.26 -3.61
N SER A 422 25.26 7.35 -3.64
CA SER A 422 24.47 7.62 -4.84
C SER A 422 25.36 7.85 -6.04
N GLU A 423 26.46 8.60 -5.86
CA GLU A 423 27.38 8.81 -6.98
C GLU A 423 28.01 7.49 -7.42
N ARG A 424 28.34 6.62 -6.46
CA ARG A 424 28.91 5.32 -6.84
C ARG A 424 27.91 4.48 -7.63
N TYR A 425 26.64 4.50 -7.22
CA TYR A 425 25.68 3.66 -7.95
C TYR A 425 25.43 4.23 -9.34
N ILE A 426 25.38 5.55 -9.47
CA ILE A 426 25.23 6.15 -10.79
C ILE A 426 26.38 5.68 -11.69
N ALA A 427 27.59 5.65 -11.15
CA ALA A 427 28.75 5.23 -11.93
C ALA A 427 28.65 3.78 -12.35
N THR A 428 28.24 2.90 -11.44
CA THR A 428 28.04 1.50 -11.80
C THR A 428 27.02 1.37 -12.92
N CYS A 429 25.93 2.12 -12.83
CA CYS A 429 24.89 2.05 -13.85
C CYS A 429 25.39 2.58 -15.18
N ALA A 430 26.12 3.70 -15.16
CA ALA A 430 26.55 4.29 -16.42
C ALA A 430 27.54 3.39 -17.14
N ALA A 431 28.30 2.59 -16.39
CA ALA A 431 29.32 1.75 -17.00
C ALA A 431 28.75 0.61 -17.82
N VAL A 432 27.51 0.18 -17.56
CA VAL A 432 26.86 -0.89 -18.33
C VAL A 432 25.79 -0.37 -19.25
N ALA A 433 25.60 0.94 -19.34
CA ALA A 433 24.57 1.49 -20.20
C ALA A 433 24.96 1.30 -21.68
#